data_7C5E
#
_entry.id   7C5E
#
_cell.length_a   103.763
_cell.length_b   103.763
_cell.length_c   56.503
_cell.angle_alpha   90.000
_cell.angle_beta   90.000
_cell.angle_gamma   120.000
#
_symmetry.space_group_name_H-M   'P 61'
#
loop_
_entity.id
_entity.type
_entity.pdbx_description
1 polymer 'Kelch-like ECH-associated protein 1'
2 non-polymer 'FUMARIC ACID'
3 non-polymer 'ACETATE ION'
4 non-polymer 'TRIETHYLENE GLYCOL'
5 non-polymer 'SULFATE ION'
6 water water
#
_entity_poly.entity_id   1
_entity_poly.type   'polypeptide(L)'
_entity_poly.pdbx_seq_one_letter_code
;MGSSHHHHHHSSGLVPRGSHMVGRLIYTAGGYFRQSLSYLEAYNPSNGSWLRLADLQVPRSGLAGCVVGGLLYAVGGRNN
SPDGNTDSSALDCYNPMTNQWSPCASMSVPRNRIGVGVIDGHIYAVGGSHGCIHHSSVERYEPERDEWHLVAPMLTRRIG
VGVAVLNRLLYAVGGFDGTNRLNSAECYYPERNEWRMITPMNTIRSGAGVCVLHNCIYAAGGYDGQDQLNSVERYDVETE
TWTFVAPMRHHRSALGITVHQGKIYVLGGYDGHTFLDSVECYDPDSDTWSEVTRMTSGRSGVGVAVTMEPCRKQ
;
_entity_poly.pdbx_strand_id   A
#
loop_
_chem_comp.id
_chem_comp.type
_chem_comp.name
_chem_comp.formula
ACT non-polymer 'ACETATE ION' 'C2 H3 O2 -1'
FUM non-polymer 'FUMARIC ACID' 'C4 H4 O4'
PGE non-polymer 'TRIETHYLENE GLYCOL' 'C6 H14 O4'
SO4 non-polymer 'SULFATE ION' 'O4 S -2'
#
# COMPACT_ATOMS: atom_id res chain seq x y z
N VAL A 15 2.36 -18.75 12.13
CA VAL A 15 1.07 -19.45 12.12
C VAL A 15 -0.01 -18.65 11.42
N PRO A 16 -1.21 -19.24 11.36
CA PRO A 16 -2.43 -18.53 10.96
C PRO A 16 -3.51 -18.83 12.00
N ARG A 17 -3.55 -18.02 13.07
CA ARG A 17 -4.48 -18.20 14.16
C ARG A 17 -5.35 -16.95 14.33
N GLY A 18 -6.41 -17.11 15.12
CA GLY A 18 -7.28 -15.99 15.46
C GLY A 18 -7.03 -15.55 16.89
N MET A 21 -7.75 -20.32 15.81
CA MET A 21 -9.17 -20.49 15.48
C MET A 21 -9.44 -20.29 13.99
N VAL A 22 -8.99 -19.18 13.43
CA VAL A 22 -9.31 -18.84 12.04
C VAL A 22 -8.04 -18.61 11.23
N GLY A 23 -8.19 -18.72 9.91
CA GLY A 23 -7.12 -18.39 9.00
C GLY A 23 -7.02 -16.90 8.78
N ARG A 24 -6.00 -16.51 8.03
CA ARG A 24 -5.82 -15.12 7.67
C ARG A 24 -6.10 -14.94 6.19
N LEU A 25 -6.80 -13.86 5.86
CA LEU A 25 -7.20 -13.54 4.50
C LEU A 25 -6.45 -12.30 4.03
N ILE A 26 -6.38 -12.15 2.71
CA ILE A 26 -5.87 -10.96 2.05
C ILE A 26 -7.06 -10.08 1.68
N TYR A 27 -7.18 -8.95 2.36
CA TYR A 27 -8.27 -8.01 2.16
C TYR A 27 -7.85 -6.95 1.16
N THR A 28 -8.71 -6.70 0.15
CA THR A 28 -8.52 -5.59 -0.76
C THR A 28 -9.69 -4.63 -0.58
N ALA A 29 -9.39 -3.36 -0.32
CA ALA A 29 -10.40 -2.34 -0.07
C ALA A 29 -10.33 -1.26 -1.12
N GLY A 30 -11.48 -0.88 -1.65
CA GLY A 30 -11.53 0.27 -2.54
C GLY A 30 -10.93 -0.03 -3.90
N GLY A 31 -10.41 1.01 -4.52
CA GLY A 31 -9.80 0.92 -5.83
C GLY A 31 -10.52 1.79 -6.86
N TYR A 32 -10.19 1.54 -8.12
CA TYR A 32 -10.66 2.37 -9.22
C TYR A 32 -10.91 1.53 -10.47
N PHE A 33 -12.11 1.65 -11.01
CA PHE A 33 -12.41 1.21 -12.37
C PHE A 33 -13.54 2.11 -12.85
N ARG A 34 -13.22 3.01 -13.79
CA ARG A 34 -14.12 4.04 -14.30
C ARG A 34 -14.41 5.09 -13.24
N GLN A 35 -14.56 4.67 -11.98
CA GLN A 35 -14.76 5.57 -10.84
C GLN A 35 -14.19 4.89 -9.59
N SER A 36 -14.11 5.64 -8.50
CA SER A 36 -13.60 5.06 -7.28
C SER A 36 -14.60 4.05 -6.74
N LEU A 37 -14.07 3.01 -6.08
CA LEU A 37 -14.82 1.83 -5.70
C LEU A 37 -14.97 1.73 -4.19
N SER A 38 -16.06 1.10 -3.76
N SER A 38 -16.06 1.09 -3.77
CA SER A 38 -16.30 0.87 -2.34
CA SER A 38 -16.31 0.86 -2.35
C SER A 38 -16.12 -0.60 -1.95
C SER A 38 -16.09 -0.58 -1.94
N TYR A 39 -15.65 -1.44 -2.86
CA TYR A 39 -15.56 -2.87 -2.57
C TYR A 39 -14.63 -3.17 -1.41
N LEU A 40 -15.03 -4.11 -0.58
CA LEU A 40 -14.15 -4.76 0.39
C LEU A 40 -14.28 -6.26 0.12
N GLU A 41 -13.21 -6.88 -0.31
CA GLU A 41 -13.25 -8.30 -0.62
C GLU A 41 -12.03 -8.97 0.01
N ALA A 42 -12.17 -10.26 0.32
CA ALA A 42 -11.14 -10.99 1.06
C ALA A 42 -10.85 -12.32 0.37
N TYR A 43 -9.59 -12.56 0.09
CA TYR A 43 -9.13 -13.76 -0.58
C TYR A 43 -8.47 -14.72 0.41
N ASN A 44 -8.73 -16.01 0.26
CA ASN A 44 -8.18 -17.02 1.16
C ASN A 44 -7.16 -17.87 0.43
N PRO A 45 -5.86 -17.65 0.64
CA PRO A 45 -4.87 -18.50 -0.04
C PRO A 45 -5.03 -19.98 0.22
N SER A 46 -5.60 -20.37 1.36
CA SER A 46 -5.69 -21.79 1.69
C SER A 46 -6.71 -22.53 0.83
N ASN A 47 -7.71 -21.85 0.25
CA ASN A 47 -8.71 -22.55 -0.55
C ASN A 47 -9.11 -21.84 -1.84
N GLY A 48 -8.52 -20.68 -2.16
CA GLY A 48 -8.83 -20.00 -3.39
C GLY A 48 -10.09 -19.16 -3.39
N SER A 49 -10.83 -19.10 -2.29
CA SER A 49 -12.13 -18.46 -2.32
C SER A 49 -12.01 -16.95 -2.15
N TRP A 50 -13.00 -16.23 -2.69
CA TRP A 50 -13.19 -14.81 -2.44
C TRP A 50 -14.49 -14.59 -1.69
N LEU A 51 -14.48 -13.66 -0.74
CA LEU A 51 -15.69 -13.22 -0.04
C LEU A 51 -15.88 -11.72 -0.27
N ARG A 52 -17.10 -11.32 -0.63
CA ARG A 52 -17.46 -9.90 -0.62
C ARG A 52 -17.97 -9.53 0.77
N LEU A 53 -17.40 -8.47 1.33
CA LEU A 53 -17.77 -8.03 2.67
C LEU A 53 -18.39 -6.63 2.60
N ALA A 54 -18.56 -6.02 3.77
CA ALA A 54 -19.22 -4.72 3.85
C ALA A 54 -18.48 -3.67 3.04
N ASP A 55 -19.21 -2.99 2.15
CA ASP A 55 -18.68 -1.85 1.41
C ASP A 55 -18.11 -0.77 2.34
N LEU A 56 -17.07 -0.09 1.87
CA LEU A 56 -16.66 1.17 2.48
C LEU A 56 -17.81 2.16 2.47
N GLN A 57 -17.87 2.99 3.51
CA GLN A 57 -18.92 4.01 3.58
C GLN A 57 -18.78 5.05 2.47
N VAL A 58 -17.55 5.34 2.05
CA VAL A 58 -17.25 6.28 0.98
C VAL A 58 -16.35 5.61 -0.05
N PRO A 59 -16.66 5.65 -1.34
CA PRO A 59 -15.75 5.04 -2.32
C PRO A 59 -14.41 5.73 -2.29
N ARG A 60 -13.34 4.97 -2.53
CA ARG A 60 -12.05 5.61 -2.54
C ARG A 60 -11.05 4.76 -3.29
N SER A 61 -10.22 5.44 -4.08
CA SER A 61 -9.05 4.90 -4.74
C SER A 61 -7.79 5.58 -4.22
N GLY A 62 -6.64 4.97 -4.46
CA GLY A 62 -5.41 5.60 -4.01
C GLY A 62 -5.27 5.64 -2.50
N LEU A 63 -6.05 4.84 -1.80
CA LEU A 63 -5.93 4.66 -0.36
C LEU A 63 -4.81 3.66 -0.04
N ALA A 64 -4.53 3.52 1.26
CA ALA A 64 -3.66 2.46 1.75
C ALA A 64 -4.39 1.69 2.83
N GLY A 65 -4.01 0.43 2.99
CA GLY A 65 -4.55 -0.42 4.04
C GLY A 65 -3.45 -0.86 4.97
N CYS A 66 -3.83 -1.13 6.21
CA CYS A 66 -2.94 -1.72 7.19
C CYS A 66 -3.79 -2.39 8.26
N VAL A 67 -3.15 -3.18 9.11
CA VAL A 67 -3.82 -3.87 10.20
C VAL A 67 -3.13 -3.55 11.51
N VAL A 68 -3.91 -3.27 12.56
CA VAL A 68 -3.38 -3.07 13.90
C VAL A 68 -4.35 -3.74 14.88
N GLY A 69 -3.84 -4.66 15.69
CA GLY A 69 -4.68 -5.35 16.65
C GLY A 69 -5.81 -6.12 16.01
N GLY A 70 -5.56 -6.75 14.86
CA GLY A 70 -6.59 -7.48 14.17
C GLY A 70 -7.59 -6.65 13.40
N LEU A 71 -7.57 -5.33 13.52
CA LEU A 71 -8.51 -4.48 12.81
C LEU A 71 -7.88 -3.95 11.53
N LEU A 72 -8.70 -3.87 10.48
CA LEU A 72 -8.27 -3.37 9.19
C LEU A 72 -8.55 -1.87 9.10
N TYR A 73 -7.54 -1.10 8.72
CA TYR A 73 -7.68 0.34 8.55
C TYR A 73 -7.56 0.73 7.08
N ALA A 74 -8.42 1.64 6.64
CA ALA A 74 -8.37 2.22 5.31
C ALA A 74 -8.05 3.69 5.47
N VAL A 75 -6.99 4.15 4.80
CA VAL A 75 -6.37 5.44 5.09
C VAL A 75 -6.34 6.27 3.82
N GLY A 76 -6.90 7.49 3.88
CA GLY A 76 -6.59 8.37 2.76
C GLY A 76 -7.31 7.97 1.48
N GLY A 77 -6.79 8.46 0.36
CA GLY A 77 -7.35 8.17 -0.93
C GLY A 77 -8.06 9.36 -1.55
N ARG A 78 -8.95 9.07 -2.50
CA ARG A 78 -9.71 10.09 -3.20
C ARG A 78 -10.96 9.43 -3.76
N ASN A 79 -12.07 10.13 -3.72
CA ASN A 79 -13.29 9.63 -4.33
C ASN A 79 -13.43 10.31 -5.69
N ASN A 80 -13.03 9.59 -6.73
CA ASN A 80 -13.31 10.00 -8.10
C ASN A 80 -14.69 9.48 -8.49
N SER A 81 -15.62 10.39 -8.75
CA SER A 81 -16.94 9.99 -9.23
C SER A 81 -17.52 11.12 -10.06
N PRO A 82 -18.58 10.83 -10.83
CA PRO A 82 -19.22 11.92 -11.60
C PRO A 82 -19.74 13.05 -10.73
N ASP A 83 -20.18 12.76 -9.51
CA ASP A 83 -20.57 13.80 -8.56
C ASP A 83 -19.46 14.80 -8.29
N GLY A 84 -18.21 14.42 -8.53
CA GLY A 84 -17.07 15.25 -8.18
C GLY A 84 -15.88 14.43 -7.70
N ASN A 85 -14.74 15.08 -7.47
CA ASN A 85 -13.53 14.39 -7.05
C ASN A 85 -13.06 14.99 -5.74
N THR A 86 -13.01 14.16 -4.69
CA THR A 86 -12.72 14.64 -3.35
C THR A 86 -11.59 13.83 -2.75
N ASP A 87 -10.47 14.51 -2.46
CA ASP A 87 -9.38 13.85 -1.75
C ASP A 87 -9.81 13.56 -0.32
N SER A 88 -9.30 12.47 0.22
CA SER A 88 -9.77 11.93 1.50
C SER A 88 -8.71 12.12 2.58
N SER A 89 -9.15 12.62 3.73
CA SER A 89 -8.39 12.61 4.96
C SER A 89 -8.86 11.52 5.92
N ALA A 90 -9.74 10.63 5.46
CA ALA A 90 -10.43 9.71 6.34
C ALA A 90 -9.53 8.58 6.82
N LEU A 91 -9.74 8.20 8.06
CA LEU A 91 -9.29 6.92 8.59
C LEU A 91 -10.54 6.16 9.01
N ASP A 92 -10.72 4.98 8.44
CA ASP A 92 -11.87 4.13 8.76
C ASP A 92 -11.37 2.76 9.12
N CYS A 93 -12.08 2.10 10.03
CA CYS A 93 -11.60 0.87 10.62
C CYS A 93 -12.65 -0.21 10.43
N TYR A 94 -12.21 -1.39 9.99
CA TYR A 94 -13.10 -2.52 9.73
C TYR A 94 -12.83 -3.63 10.73
N ASN A 95 -13.88 -4.08 11.41
CA ASN A 95 -13.79 -5.16 12.38
C ASN A 95 -14.28 -6.46 11.75
N PRO A 96 -13.39 -7.41 11.47
CA PRO A 96 -13.85 -8.70 10.91
C PRO A 96 -14.86 -9.42 11.80
N MET A 97 -14.83 -9.19 13.12
CA MET A 97 -15.78 -9.84 14.01
C MET A 97 -17.20 -9.36 13.76
N THR A 98 -17.36 -8.11 13.34
CA THR A 98 -18.68 -7.52 13.19
C THR A 98 -19.06 -7.23 11.74
N ASN A 99 -18.12 -7.36 10.80
CA ASN A 99 -18.33 -6.94 9.40
C ASN A 99 -18.87 -5.51 9.31
N GLN A 100 -18.33 -4.62 10.13
CA GLN A 100 -18.76 -3.23 10.18
C GLN A 100 -17.57 -2.29 10.09
N TRP A 101 -17.74 -1.22 9.31
CA TRP A 101 -16.77 -0.14 9.21
C TRP A 101 -17.15 0.94 10.21
N SER A 102 -16.16 1.47 10.92
CA SER A 102 -16.36 2.59 11.83
C SER A 102 -15.41 3.72 11.50
N PRO A 103 -15.89 4.96 11.52
CA PRO A 103 -14.99 6.11 11.34
C PRO A 103 -14.06 6.28 12.53
N CYS A 104 -12.81 6.62 12.23
CA CYS A 104 -11.86 7.11 13.20
C CYS A 104 -11.59 8.60 12.97
N ALA A 105 -10.74 9.17 13.83
CA ALA A 105 -10.31 10.54 13.64
C ALA A 105 -9.67 10.69 12.26
N SER A 106 -9.93 11.84 11.63
CA SER A 106 -9.37 12.13 10.32
C SER A 106 -7.96 12.70 10.46
N MET A 107 -7.18 12.55 9.38
CA MET A 107 -5.84 13.12 9.34
C MET A 107 -5.89 14.64 9.19
N SER A 108 -4.75 15.26 9.44
CA SER A 108 -4.63 16.71 9.33
C SER A 108 -4.92 17.23 7.92
N VAL A 109 -4.81 16.39 6.89
N VAL A 109 -4.75 16.41 6.90
CA VAL A 109 -4.84 16.86 5.51
CA VAL A 109 -4.85 16.84 5.50
C VAL A 109 -5.33 15.71 4.62
C VAL A 109 -5.38 15.71 4.65
N PRO A 110 -6.05 15.99 3.53
CA PRO A 110 -6.36 14.91 2.57
C PRO A 110 -5.09 14.38 1.95
N ARG A 111 -5.05 13.06 1.71
CA ARG A 111 -3.84 12.41 1.18
C ARG A 111 -4.26 11.35 0.18
N ASN A 112 -4.24 11.71 -1.09
CA ASN A 112 -4.50 10.77 -2.17
C ASN A 112 -3.17 10.18 -2.64
N ARG A 113 -3.19 8.91 -3.02
CA ARG A 113 -1.98 8.18 -3.39
C ARG A 113 -0.98 8.23 -2.24
N ILE A 114 -1.49 7.85 -1.08
CA ILE A 114 -0.79 7.82 0.19
C ILE A 114 0.04 6.54 0.30
N GLY A 115 1.02 6.56 1.21
CA GLY A 115 1.67 5.35 1.67
C GLY A 115 1.54 5.25 3.18
N VAL A 116 1.44 4.02 3.68
CA VAL A 116 1.19 3.77 5.11
C VAL A 116 2.12 2.67 5.59
N GLY A 117 2.57 2.78 6.85
CA GLY A 117 3.31 1.71 7.50
C GLY A 117 2.98 1.73 8.98
N VAL A 118 3.15 0.58 9.64
CA VAL A 118 2.82 0.44 11.05
C VAL A 118 4.10 0.14 11.82
N ILE A 119 4.37 0.93 12.87
CA ILE A 119 5.43 0.64 13.83
C ILE A 119 4.83 0.66 15.24
N ASP A 120 5.08 -0.41 16.00
CA ASP A 120 4.72 -0.42 17.43
C ASP A 120 3.24 -0.08 17.64
N GLY A 121 2.38 -0.64 16.77
CA GLY A 121 0.95 -0.41 16.88
C GLY A 121 0.48 0.96 16.46
N HIS A 122 1.33 1.74 15.81
CA HIS A 122 1.02 3.10 15.39
C HIS A 122 1.04 3.17 13.87
N ILE A 123 0.06 3.86 13.29
CA ILE A 123 -0.07 4.01 11.85
C ILE A 123 0.62 5.29 11.42
N TYR A 124 1.55 5.18 10.47
CA TYR A 124 2.16 6.35 9.85
C TYR A 124 1.55 6.58 8.48
N ALA A 125 1.01 7.78 8.26
CA ALA A 125 0.54 8.22 6.95
C ALA A 125 1.59 9.12 6.32
N VAL A 126 1.96 8.81 5.07
CA VAL A 126 3.12 9.39 4.43
C VAL A 126 2.71 10.01 3.10
N GLY A 127 2.99 11.30 2.93
CA GLY A 127 2.92 11.91 1.62
C GLY A 127 1.51 11.97 1.06
N GLY A 128 1.42 11.79 -0.25
CA GLY A 128 0.15 11.87 -0.95
C GLY A 128 -0.16 13.28 -1.44
N SER A 129 -1.23 13.37 -2.23
CA SER A 129 -1.62 14.64 -2.83
C SER A 129 -2.96 15.17 -2.32
N HIS A 130 -3.14 16.47 -2.51
CA HIS A 130 -4.38 17.18 -2.20
C HIS A 130 -4.51 18.22 -3.30
N GLY A 131 -5.35 17.95 -4.30
CA GLY A 131 -5.35 18.83 -5.46
C GLY A 131 -3.96 18.85 -6.05
N CYS A 132 -3.46 20.05 -6.32
N CYS A 132 -3.47 20.07 -6.31
CA CYS A 132 -2.13 20.17 -6.93
CA CYS A 132 -2.16 20.27 -6.90
C CYS A 132 -1.00 20.21 -5.90
C CYS A 132 -1.01 20.18 -5.90
N ILE A 133 -1.31 20.01 -4.61
CA ILE A 133 -0.29 19.98 -3.56
C ILE A 133 0.24 18.56 -3.44
N HIS A 134 1.57 18.42 -3.39
CA HIS A 134 2.23 17.15 -3.14
C HIS A 134 2.87 17.22 -1.75
N HIS A 135 2.46 16.32 -0.86
CA HIS A 135 2.90 16.39 0.54
C HIS A 135 4.27 15.76 0.73
N SER A 136 5.11 16.40 1.55
CA SER A 136 6.18 15.71 2.24
C SER A 136 5.82 15.41 3.69
N SER A 137 4.69 15.92 4.17
CA SER A 137 4.31 15.75 5.57
C SER A 137 3.99 14.30 5.89
N VAL A 138 4.14 13.95 7.17
CA VAL A 138 3.95 12.61 7.70
C VAL A 138 3.22 12.76 9.01
N GLU A 139 2.23 11.91 9.27
CA GLU A 139 1.58 11.94 10.57
C GLU A 139 1.34 10.52 11.06
N ARG A 140 1.16 10.42 12.37
CA ARG A 140 1.18 9.16 13.08
C ARG A 140 -0.09 9.05 13.89
N TYR A 141 -0.75 7.90 13.80
CA TYR A 141 -2.03 7.66 14.45
C TYR A 141 -1.83 6.75 15.64
N GLU A 142 -2.43 7.11 16.77
CA GLU A 142 -2.39 6.28 17.97
C GLU A 142 -3.79 5.70 18.20
N PRO A 143 -4.02 4.42 17.87
CA PRO A 143 -5.38 3.87 18.00
C PRO A 143 -5.92 3.90 19.42
N GLU A 144 -5.06 3.78 20.42
CA GLU A 144 -5.51 3.80 21.81
C GLU A 144 -5.99 5.19 22.23
N ARG A 145 -5.59 6.25 21.52
CA ARG A 145 -6.07 7.59 21.79
C ARG A 145 -7.02 8.10 20.73
N ASP A 146 -7.10 7.45 19.56
CA ASP A 146 -7.83 7.95 18.40
C ASP A 146 -7.39 9.38 18.07
N GLU A 147 -6.08 9.57 17.91
CA GLU A 147 -5.51 10.86 17.60
C GLU A 147 -4.42 10.73 16.54
N TRP A 148 -4.35 11.73 15.67
CA TRP A 148 -3.25 11.90 14.76
C TRP A 148 -2.32 13.01 15.26
N HIS A 149 -1.03 12.85 15.01
CA HIS A 149 -0.06 13.90 15.32
C HIS A 149 0.98 13.95 14.21
N LEU A 150 1.25 15.15 13.68
CA LEU A 150 2.31 15.29 12.71
C LEU A 150 3.66 14.92 13.33
N VAL A 151 4.55 14.37 12.51
CA VAL A 151 5.93 14.11 12.89
C VAL A 151 6.82 14.77 11.84
N ALA A 152 8.11 14.45 11.85
CA ALA A 152 9.01 15.10 10.90
C ALA A 152 8.59 14.80 9.47
N PRO A 153 8.58 15.79 8.58
CA PRO A 153 8.26 15.52 7.17
C PRO A 153 9.44 14.85 6.47
N MET A 154 9.13 14.18 5.36
CA MET A 154 10.16 13.59 4.54
C MET A 154 11.05 14.69 3.95
N LEU A 155 12.23 14.27 3.50
CA LEU A 155 13.10 15.16 2.73
C LEU A 155 12.54 15.49 1.36
N THR A 156 11.52 14.77 0.89
CA THR A 156 11.06 14.82 -0.48
C THR A 156 9.53 14.84 -0.49
N ARG A 157 8.93 15.66 -1.35
CA ARG A 157 7.51 15.52 -1.58
C ARG A 157 7.24 14.26 -2.38
N ARG A 158 6.29 13.44 -1.94
CA ARG A 158 6.08 12.13 -2.56
C ARG A 158 4.61 11.79 -2.56
N ILE A 159 4.05 11.60 -3.76
CA ILE A 159 2.76 10.95 -3.94
C ILE A 159 3.01 9.67 -4.75
N GLY A 160 2.09 8.72 -4.63
CA GLY A 160 2.32 7.43 -5.26
C GLY A 160 3.52 6.75 -4.64
N VAL A 161 3.71 6.95 -3.32
CA VAL A 161 4.89 6.51 -2.60
C VAL A 161 4.58 5.14 -2.00
N GLY A 162 5.54 4.22 -2.07
CA GLY A 162 5.44 2.95 -1.37
C GLY A 162 6.09 3.03 0.01
N VAL A 163 5.48 2.37 0.99
CA VAL A 163 5.95 2.44 2.36
C VAL A 163 6.07 1.04 2.93
N ALA A 164 7.14 0.78 3.67
CA ALA A 164 7.24 -0.48 4.42
C ALA A 164 8.09 -0.28 5.67
N VAL A 165 7.93 -1.21 6.61
CA VAL A 165 8.58 -1.16 7.92
C VAL A 165 9.45 -2.40 8.08
N LEU A 166 10.70 -2.19 8.48
CA LEU A 166 11.64 -3.27 8.73
C LEU A 166 12.47 -2.88 9.94
N ASN A 167 12.47 -3.74 10.96
CA ASN A 167 13.27 -3.53 12.16
C ASN A 167 12.91 -2.20 12.83
N ARG A 168 11.62 -1.91 12.88
CA ARG A 168 11.08 -0.71 13.54
C ARG A 168 11.65 0.57 12.93
N LEU A 169 11.97 0.53 11.64
CA LEU A 169 12.29 1.71 10.85
C LEU A 169 11.32 1.77 9.68
N LEU A 170 10.94 2.98 9.29
CA LEU A 170 9.94 3.23 8.26
C LEU A 170 10.63 3.72 6.98
N TYR A 171 10.29 3.12 5.84
CA TYR A 171 10.91 3.45 4.57
C TYR A 171 9.87 3.99 3.60
N ALA A 172 10.22 5.08 2.93
CA ALA A 172 9.40 5.68 1.88
C ALA A 172 10.15 5.56 0.57
N VAL A 173 9.52 4.98 -0.45
CA VAL A 173 10.23 4.53 -1.64
C VAL A 173 9.56 5.09 -2.89
N GLY A 174 10.33 5.80 -3.72
CA GLY A 174 9.86 6.24 -5.02
C GLY A 174 8.76 7.28 -4.91
N GLY A 175 7.91 7.32 -5.92
CA GLY A 175 6.80 8.24 -5.98
C GLY A 175 6.99 9.31 -7.05
N PHE A 176 6.26 10.41 -6.85
CA PHE A 176 6.20 11.53 -7.78
C PHE A 176 6.15 12.80 -6.94
N ASP A 177 7.02 13.76 -7.25
CA ASP A 177 7.12 14.98 -6.44
C ASP A 177 6.38 16.15 -7.06
N GLY A 178 5.58 15.92 -8.09
CA GLY A 178 4.91 16.97 -8.82
C GLY A 178 5.50 17.25 -10.18
N THR A 179 6.82 17.08 -10.32
CA THR A 179 7.50 17.25 -11.59
C THR A 179 8.14 15.97 -12.10
N ASN A 180 8.83 15.22 -11.25
CA ASN A 180 9.57 14.03 -11.67
C ASN A 180 9.12 12.80 -10.89
N ARG A 181 8.98 11.67 -11.58
CA ARG A 181 8.94 10.40 -10.89
C ARG A 181 10.32 10.10 -10.30
N LEU A 182 10.34 9.35 -9.20
CA LEU A 182 11.49 9.28 -8.32
C LEU A 182 12.05 7.87 -8.25
N ASN A 183 13.37 7.75 -8.27
CA ASN A 183 13.99 6.49 -7.83
C ASN A 183 14.50 6.58 -6.41
N SER A 184 14.40 7.76 -5.79
CA SER A 184 14.96 7.97 -4.46
C SER A 184 14.11 7.27 -3.40
N ALA A 185 14.72 7.09 -2.23
CA ALA A 185 14.06 6.43 -1.11
C ALA A 185 14.67 6.97 0.17
N GLU A 186 13.90 6.94 1.26
CA GLU A 186 14.42 7.48 2.51
C GLU A 186 13.87 6.69 3.68
N CYS A 187 14.53 6.83 4.83
CA CYS A 187 14.24 6.02 6.01
C CYS A 187 13.98 6.94 7.19
N TYR A 188 12.93 6.62 7.96
CA TYR A 188 12.57 7.40 9.15
C TYR A 188 13.00 6.64 10.41
N TYR A 189 13.70 7.35 11.30
N TYR A 189 13.75 7.34 11.27
CA TYR A 189 14.26 6.80 12.53
CA TYR A 189 14.23 6.80 12.52
C TYR A 189 13.48 7.34 13.72
C TYR A 189 13.39 7.37 13.65
N PRO A 190 12.54 6.58 14.30
CA PRO A 190 11.56 7.20 15.21
C PRO A 190 12.17 7.83 16.44
N GLU A 191 13.20 7.21 17.02
CA GLU A 191 13.75 7.75 18.27
C GLU A 191 14.47 9.06 18.04
N ARG A 192 14.82 9.40 16.79
CA ARG A 192 15.35 10.72 16.54
C ARG A 192 14.42 11.61 15.75
N ASN A 193 13.23 11.11 15.42
CA ASN A 193 12.26 11.83 14.59
C ASN A 193 12.97 12.47 13.40
N GLU A 194 13.66 11.62 12.63
CA GLU A 194 14.59 12.10 11.60
C GLU A 194 14.47 11.24 10.35
N TRP A 195 14.46 11.89 9.19
CA TRP A 195 14.52 11.19 7.90
C TRP A 195 15.92 11.29 7.30
N ARG A 196 16.38 10.20 6.68
CA ARG A 196 17.66 10.14 5.99
C ARG A 196 17.48 9.45 4.65
N MET A 197 18.12 9.97 3.61
CA MET A 197 18.09 9.28 2.33
C MET A 197 18.80 7.92 2.43
N ILE A 198 18.32 6.97 1.66
CA ILE A 198 19.05 5.71 1.50
C ILE A 198 19.46 5.59 0.05
N THR A 199 20.17 4.53 -0.28
CA THR A 199 20.54 4.25 -1.65
C THR A 199 19.32 4.33 -2.56
N PRO A 200 19.38 5.04 -3.68
CA PRO A 200 18.24 5.06 -4.61
C PRO A 200 18.08 3.71 -5.31
N MET A 201 16.84 3.43 -5.71
CA MET A 201 16.59 2.26 -6.55
C MET A 201 17.30 2.42 -7.89
N ASN A 202 17.41 1.31 -8.60
CA ASN A 202 17.93 1.34 -9.95
C ASN A 202 16.88 1.74 -10.97
N THR A 203 15.60 1.80 -10.59
CA THR A 203 14.52 2.13 -11.50
C THR A 203 13.71 3.25 -10.87
N ILE A 204 13.33 4.23 -11.69
CA ILE A 204 12.34 5.24 -11.29
C ILE A 204 10.98 4.56 -11.13
N ARG A 205 10.31 4.79 -10.00
CA ARG A 205 9.03 4.11 -9.79
C ARG A 205 8.07 4.99 -8.99
N SER A 206 6.93 5.30 -9.58
N SER A 206 6.93 5.31 -9.58
CA SER A 206 5.79 5.86 -8.86
CA SER A 206 5.80 5.85 -8.83
C SER A 206 4.64 4.85 -8.87
C SER A 206 4.67 4.84 -8.86
N GLY A 207 3.93 4.74 -7.75
CA GLY A 207 2.85 3.78 -7.70
C GLY A 207 3.31 2.34 -7.73
N ALA A 208 4.48 2.07 -7.16
CA ALA A 208 4.98 0.71 -7.00
C ALA A 208 4.30 0.05 -5.81
N GLY A 209 4.29 -1.28 -5.81
CA GLY A 209 3.96 -2.01 -4.59
C GLY A 209 5.20 -2.18 -3.74
N VAL A 210 5.17 -1.73 -2.50
CA VAL A 210 6.32 -1.83 -1.59
C VAL A 210 5.93 -2.61 -0.35
N CYS A 211 6.74 -3.59 0.00
CA CYS A 211 6.53 -4.39 1.20
C CYS A 211 7.87 -4.88 1.74
N VAL A 212 7.81 -5.62 2.82
N VAL A 212 7.80 -5.61 2.84
CA VAL A 212 9.00 -6.18 3.44
CA VAL A 212 8.98 -6.20 3.47
C VAL A 212 8.86 -7.69 3.52
C VAL A 212 8.84 -7.72 3.45
N LEU A 213 9.96 -8.39 3.19
CA LEU A 213 10.03 -9.84 3.31
C LEU A 213 11.43 -10.22 3.73
N HIS A 214 11.54 -10.94 4.85
CA HIS A 214 12.83 -11.26 5.48
C HIS A 214 13.55 -9.95 5.77
N ASN A 215 14.76 -9.73 5.26
CA ASN A 215 15.52 -8.54 5.62
C ASN A 215 15.55 -7.53 4.48
N CYS A 216 14.58 -7.57 3.57
CA CYS A 216 14.63 -6.80 2.35
C CYS A 216 13.33 -6.00 2.18
N ILE A 217 13.45 -4.80 1.61
CA ILE A 217 12.30 -4.02 1.18
C ILE A 217 12.15 -4.24 -0.31
N TYR A 218 10.96 -4.69 -0.73
CA TYR A 218 10.71 -4.98 -2.14
C TYR A 218 9.95 -3.83 -2.75
N ALA A 219 10.26 -3.53 -4.01
CA ALA A 219 9.52 -2.53 -4.79
C ALA A 219 9.18 -3.19 -6.12
N ALA A 220 7.90 -3.49 -6.34
CA ALA A 220 7.45 -4.21 -7.53
C ALA A 220 6.65 -3.28 -8.42
N GLY A 221 6.97 -3.29 -9.72
CA GLY A 221 6.07 -2.57 -10.60
C GLY A 221 6.20 -1.06 -10.43
N GLY A 222 5.13 -0.37 -10.81
CA GLY A 222 5.13 1.08 -10.81
C GLY A 222 5.16 1.65 -12.22
N TYR A 223 5.37 2.96 -12.27
CA TYR A 223 5.38 3.73 -13.52
C TYR A 223 6.63 4.60 -13.54
N ASP A 224 7.39 4.56 -14.63
CA ASP A 224 8.67 5.26 -14.64
C ASP A 224 8.61 6.56 -15.43
N GLY A 225 7.41 7.05 -15.72
CA GLY A 225 7.21 8.23 -16.55
C GLY A 225 6.84 7.92 -17.99
N GLN A 226 7.18 6.73 -18.47
CA GLN A 226 6.89 6.31 -19.83
C GLN A 226 6.12 5.01 -19.91
N ASP A 227 6.46 4.02 -19.07
CA ASP A 227 5.88 2.68 -19.15
C ASP A 227 5.50 2.18 -17.76
N GLN A 228 4.43 1.37 -17.70
CA GLN A 228 4.20 0.55 -16.52
C GLN A 228 5.27 -0.55 -16.48
N LEU A 229 5.69 -0.91 -15.27
CA LEU A 229 6.83 -1.78 -15.06
C LEU A 229 6.40 -3.16 -14.59
N ASN A 230 7.16 -4.18 -15.01
CA ASN A 230 7.05 -5.51 -14.41
C ASN A 230 8.26 -5.87 -13.56
N SER A 231 9.31 -5.06 -13.59
CA SER A 231 10.52 -5.34 -12.83
C SER A 231 10.30 -5.16 -11.34
N VAL A 232 11.09 -5.90 -10.56
CA VAL A 232 10.99 -5.97 -9.10
C VAL A 232 12.39 -5.89 -8.54
N GLU A 233 12.61 -5.02 -7.55
CA GLU A 233 13.93 -4.96 -6.95
C GLU A 233 13.78 -4.94 -5.45
N ARG A 234 14.86 -5.30 -4.75
CA ARG A 234 14.79 -5.35 -3.31
C ARG A 234 16.05 -4.78 -2.68
N TYR A 235 15.86 -4.11 -1.56
CA TYR A 235 16.91 -3.38 -0.85
C TYR A 235 17.27 -4.19 0.39
N ASP A 236 18.51 -4.64 0.46
CA ASP A 236 19.03 -5.37 1.62
C ASP A 236 19.54 -4.29 2.57
N VAL A 237 18.90 -4.17 3.74
N VAL A 237 18.89 -4.16 3.74
CA VAL A 237 19.28 -3.10 4.65
CA VAL A 237 19.29 -3.10 4.66
C VAL A 237 20.68 -3.34 5.21
C VAL A 237 20.72 -3.32 5.13
N GLU A 238 21.17 -4.58 5.19
CA GLU A 238 22.52 -4.82 5.69
C GLU A 238 23.57 -4.37 4.69
N THR A 239 23.34 -4.59 3.40
CA THR A 239 24.32 -4.21 2.38
C THR A 239 24.02 -2.86 1.76
N GLU A 240 22.83 -2.30 2.00
CA GLU A 240 22.44 -1.01 1.47
C GLU A 240 22.50 -0.98 -0.06
N THR A 241 22.27 -2.12 -0.71
CA THR A 241 22.18 -2.16 -2.17
C THR A 241 20.83 -2.71 -2.62
N TRP A 242 20.43 -2.30 -3.81
CA TRP A 242 19.24 -2.81 -4.49
C TRP A 242 19.65 -3.80 -5.57
N THR A 243 18.96 -4.93 -5.65
CA THR A 243 19.16 -5.94 -6.69
C THR A 243 17.82 -6.39 -7.26
N PHE A 244 17.78 -6.60 -8.57
CA PHE A 244 16.57 -7.07 -9.23
C PHE A 244 16.33 -8.55 -8.91
N VAL A 245 15.06 -8.89 -8.72
CA VAL A 245 14.66 -10.29 -8.64
C VAL A 245 13.84 -10.61 -9.88
N ALA A 246 13.15 -11.75 -9.88
CA ALA A 246 12.35 -12.11 -11.04
C ALA A 246 11.26 -11.05 -11.29
N PRO A 247 11.03 -10.63 -12.54
CA PRO A 247 9.93 -9.70 -12.81
C PRO A 247 8.59 -10.39 -12.73
N MET A 248 7.55 -9.59 -12.46
CA MET A 248 6.20 -10.11 -12.46
C MET A 248 5.80 -10.51 -13.88
N ARG A 249 4.78 -11.37 -13.96
CA ARG A 249 4.29 -11.77 -15.27
C ARG A 249 3.61 -10.62 -15.99
N HIS A 250 2.99 -9.69 -15.26
CA HIS A 250 2.30 -8.53 -15.84
C HIS A 250 2.98 -7.23 -15.43
N HIS A 251 3.13 -6.32 -16.40
CA HIS A 251 3.45 -4.93 -16.08
C HIS A 251 2.29 -4.32 -15.33
N ARG A 252 2.57 -3.53 -14.28
CA ARG A 252 1.47 -2.94 -13.55
C ARG A 252 1.92 -1.76 -12.71
N SER A 253 1.07 -0.74 -12.64
N SER A 253 1.06 -0.73 -12.65
CA SER A 253 1.24 0.33 -11.68
CA SER A 253 1.21 0.38 -11.73
C SER A 253 -0.03 0.46 -10.86
C SER A 253 -0.05 0.48 -10.88
N ALA A 254 0.07 1.15 -9.73
CA ALA A 254 -1.04 1.29 -8.77
C ALA A 254 -1.54 -0.08 -8.33
N LEU A 255 -0.61 -0.99 -8.09
CA LEU A 255 -0.96 -2.31 -7.63
C LEU A 255 -1.11 -2.32 -6.10
N GLY A 256 -1.87 -3.28 -5.61
CA GLY A 256 -1.89 -3.57 -4.20
C GLY A 256 -0.85 -4.64 -3.93
N ILE A 257 -0.26 -4.60 -2.73
CA ILE A 257 0.75 -5.59 -2.38
C ILE A 257 0.59 -5.99 -0.91
N THR A 258 0.94 -7.24 -0.62
CA THR A 258 1.03 -7.66 0.77
C THR A 258 1.85 -8.95 0.84
N VAL A 259 2.24 -9.30 2.07
CA VAL A 259 2.94 -10.55 2.35
C VAL A 259 2.00 -11.45 3.15
N HIS A 260 1.95 -12.73 2.77
CA HIS A 260 1.09 -13.72 3.43
C HIS A 260 1.90 -15.01 3.49
N GLN A 261 2.22 -15.47 4.70
CA GLN A 261 2.99 -16.69 4.96
C GLN A 261 4.24 -16.78 4.08
N GLY A 262 5.06 -15.74 4.15
CA GLY A 262 6.37 -15.78 3.54
C GLY A 262 6.41 -15.54 2.04
N LYS A 263 5.29 -15.20 1.42
CA LYS A 263 5.24 -14.93 -0.01
C LYS A 263 4.61 -13.57 -0.24
N ILE A 264 4.99 -12.93 -1.36
CA ILE A 264 4.46 -11.62 -1.75
C ILE A 264 3.31 -11.81 -2.73
N TYR A 265 2.20 -11.14 -2.46
CA TYR A 265 1.05 -11.13 -3.36
C TYR A 265 0.87 -9.73 -3.92
N VAL A 266 0.70 -9.63 -5.24
CA VAL A 266 0.38 -8.37 -5.90
C VAL A 266 -1.00 -8.51 -6.54
N LEU A 267 -1.79 -7.44 -6.43
CA LEU A 267 -3.22 -7.47 -6.75
C LEU A 267 -3.55 -6.34 -7.71
N GLY A 268 -3.99 -6.69 -8.91
CA GLY A 268 -4.52 -5.72 -9.84
C GLY A 268 -3.51 -4.69 -10.29
N GLY A 269 -4.01 -3.49 -10.56
CA GLY A 269 -3.22 -2.42 -11.10
C GLY A 269 -3.59 -2.12 -12.54
N TYR A 270 -2.80 -1.25 -13.16
CA TYR A 270 -3.04 -0.83 -14.53
C TYR A 270 -1.79 -1.11 -15.36
N ASP A 271 -1.97 -1.79 -16.49
CA ASP A 271 -0.83 -2.22 -17.31
C ASP A 271 -0.64 -1.36 -18.56
N GLY A 272 -1.33 -0.22 -18.65
CA GLY A 272 -1.33 0.61 -19.83
C GLY A 272 -2.44 0.33 -20.81
N HIS A 273 -3.13 -0.79 -20.67
CA HIS A 273 -4.21 -1.23 -21.56
C HIS A 273 -5.46 -1.65 -20.80
N THR A 274 -5.31 -2.40 -19.71
CA THR A 274 -6.39 -2.97 -18.93
C THR A 274 -6.15 -2.68 -17.45
N PHE A 275 -7.24 -2.46 -16.72
CA PHE A 275 -7.23 -2.54 -15.27
C PHE A 275 -7.28 -4.01 -14.90
N LEU A 276 -6.19 -4.49 -14.29
CA LEU A 276 -5.96 -5.92 -14.14
C LEU A 276 -6.78 -6.53 -13.03
N ASP A 277 -7.26 -7.76 -13.25
CA ASP A 277 -7.75 -8.59 -12.17
C ASP A 277 -6.71 -9.59 -11.71
N SER A 278 -5.55 -9.65 -12.38
CA SER A 278 -4.53 -10.62 -12.06
C SER A 278 -3.98 -10.42 -10.65
N VAL A 279 -3.89 -11.52 -9.89
CA VAL A 279 -3.17 -11.59 -8.64
C VAL A 279 -2.00 -12.55 -8.85
N GLU A 280 -0.80 -12.09 -8.53
CA GLU A 280 0.41 -12.89 -8.70
C GLU A 280 1.05 -13.10 -7.33
N CYS A 281 1.72 -14.24 -7.19
CA CYS A 281 2.37 -14.60 -5.94
C CYS A 281 3.85 -14.87 -6.20
N TYR A 282 4.72 -14.24 -5.41
CA TYR A 282 6.15 -14.41 -5.51
C TYR A 282 6.63 -15.36 -4.43
N ASP A 283 7.31 -16.43 -4.85
CA ASP A 283 7.96 -17.37 -3.95
C ASP A 283 9.43 -17.01 -3.86
N PRO A 284 9.93 -16.53 -2.72
CA PRO A 284 11.34 -16.10 -2.67
C PRO A 284 12.31 -17.26 -2.67
N ASP A 285 11.87 -18.44 -2.29
CA ASP A 285 12.76 -19.60 -2.30
C ASP A 285 13.10 -20.04 -3.72
N SER A 286 12.15 -19.92 -4.65
CA SER A 286 12.38 -20.27 -6.05
C SER A 286 12.56 -19.07 -6.95
N ASP A 287 12.40 -17.85 -6.44
CA ASP A 287 12.49 -16.63 -7.25
C ASP A 287 11.59 -16.73 -8.48
N THR A 288 10.33 -17.06 -8.26
CA THR A 288 9.38 -17.17 -9.35
C THR A 288 8.03 -16.62 -8.93
N TRP A 289 7.35 -16.01 -9.89
CA TRP A 289 5.98 -15.52 -9.75
C TRP A 289 5.02 -16.51 -10.39
N SER A 290 3.86 -16.68 -9.75
N SER A 290 3.89 -16.73 -9.73
CA SER A 290 2.79 -17.49 -10.33
CA SER A 290 2.80 -17.48 -10.34
C SER A 290 1.46 -16.78 -10.13
C SER A 290 1.49 -16.72 -10.17
N GLU A 291 0.57 -16.96 -11.10
CA GLU A 291 -0.80 -16.46 -10.98
C GLU A 291 -1.57 -17.36 -10.05
N VAL A 292 -2.20 -16.78 -9.03
CA VAL A 292 -2.84 -17.59 -8.01
C VAL A 292 -4.34 -17.43 -7.98
N THR A 293 -4.89 -16.37 -8.55
CA THR A 293 -6.33 -16.15 -8.55
C THR A 293 -6.58 -14.91 -9.39
N ARG A 294 -7.84 -14.61 -9.60
CA ARG A 294 -8.23 -13.34 -10.20
C ARG A 294 -9.18 -12.65 -9.24
N MET A 295 -9.02 -11.33 -9.13
CA MET A 295 -10.03 -10.56 -8.41
C MET A 295 -11.35 -10.66 -9.16
N THR A 296 -12.44 -10.35 -8.45
CA THR A 296 -13.75 -10.44 -9.07
C THR A 296 -13.92 -9.46 -10.22
N SER A 297 -13.11 -8.41 -10.29
CA SER A 297 -13.14 -7.45 -11.39
C SER A 297 -11.84 -6.68 -11.39
N GLY A 298 -11.40 -6.28 -12.59
CA GLY A 298 -10.17 -5.51 -12.69
C GLY A 298 -10.28 -4.15 -12.00
N ARG A 299 -9.19 -3.72 -11.36
CA ARG A 299 -9.16 -2.45 -10.63
C ARG A 299 -7.73 -2.09 -10.28
N SER A 300 -7.51 -0.79 -10.05
CA SER A 300 -6.21 -0.29 -9.59
C SER A 300 -6.38 0.53 -8.32
N GLY A 301 -5.26 0.93 -7.72
CA GLY A 301 -5.31 1.83 -6.56
C GLY A 301 -6.03 1.29 -5.34
N VAL A 302 -5.89 0.00 -5.09
CA VAL A 302 -6.54 -0.61 -3.93
C VAL A 302 -5.66 -0.45 -2.70
N GLY A 303 -6.27 -0.66 -1.53
CA GLY A 303 -5.55 -0.87 -0.26
C GLY A 303 -5.65 -2.33 0.11
N VAL A 304 -4.55 -2.89 0.61
CA VAL A 304 -4.45 -4.33 0.89
C VAL A 304 -3.83 -4.52 2.26
N ALA A 305 -4.38 -5.47 3.02
CA ALA A 305 -3.73 -5.92 4.25
C ALA A 305 -4.26 -7.30 4.59
N VAL A 306 -3.66 -7.90 5.62
CA VAL A 306 -3.93 -9.28 5.99
C VAL A 306 -4.42 -9.30 7.44
N THR A 307 -5.58 -9.92 7.69
CA THR A 307 -6.01 -10.16 9.06
C THR A 307 -6.96 -11.36 9.07
N MET A 308 -7.54 -11.65 10.24
CA MET A 308 -8.34 -12.84 10.47
C MET A 308 -9.56 -12.90 9.55
N GLU A 309 -10.07 -14.13 9.37
CA GLU A 309 -11.33 -14.33 8.67
C GLU A 309 -12.46 -13.58 9.36
N PRO A 310 -13.41 -13.05 8.60
CA PRO A 310 -14.55 -12.36 9.22
C PRO A 310 -15.60 -13.36 9.68
N CYS A 311 -16.71 -12.84 10.22
CA CYS A 311 -17.80 -13.71 10.69
C CYS A 311 -18.93 -13.82 9.66
OXT FUM B . -5.05 5.21 -15.75
C FUM B . -4.92 5.22 -14.49
O FUM B . -3.83 4.87 -13.96
C4 FUM B . -6.10 5.66 -13.60
C5 FUM B . -5.86 6.33 -12.49
C6 FUM B . -7.00 6.80 -11.57
O7 FUM B . -7.04 6.44 -10.35
O8 FUM B . -7.89 7.58 -12.03
OXT FUM C . -0.70 -7.55 13.29
C FUM C . -1.52 -6.95 14.05
O FUM C . -2.73 -7.35 14.13
C4 FUM C . -1.06 -5.76 14.89
C5 FUM C . -1.06 -5.84 16.21
C6 FUM C . -0.59 -4.65 17.04
O7 FUM C . -1.31 -4.21 17.99
O8 FUM C . 0.51 -4.10 16.78
C ACT D . -21.86 -5.31 0.05
O ACT D . -21.56 -4.36 0.83
OXT ACT D . -22.37 -5.23 -1.10
CH3 ACT D . -21.58 -6.74 0.60
C1 PGE E . 3.02 -9.12 -20.51
O1 PGE E . 1.95 -9.75 -19.80
C2 PGE E . 4.30 -9.87 -20.15
O2 PGE E . 4.30 -11.11 -20.82
C3 PGE E . 4.47 -12.23 -19.96
C4 PGE E . 3.09 -12.81 -19.68
O4 PGE E . 2.59 -17.19 -17.97
C6 PGE E . 3.29 -16.41 -18.93
C5 PGE E . 3.07 -14.94 -18.63
O3 PGE E . 3.15 -14.21 -19.85
OXT FUM F . 0.15 5.31 -12.37
C FUM F . 0.88 5.53 -11.36
O FUM F . 0.77 4.80 -10.35
C4 FUM F . 1.89 6.69 -11.36
C5 FUM F . 1.44 7.91 -11.50
C6 FUM F . 2.36 9.14 -11.48
O7 FUM F . 1.84 10.30 -11.43
O8 FUM F . 3.61 9.02 -11.52
C ACT G . -6.55 10.07 -8.87
O ACT G . -7.31 9.12 -8.66
OXT ACT G . -6.82 11.21 -9.38
CH3 ACT G . -5.09 9.84 -8.51
S SO4 H . 2.81 19.68 2.77
O1 SO4 H . 3.61 18.48 3.02
O2 SO4 H . 1.84 19.79 3.85
O3 SO4 H . 3.71 20.82 2.79
O4 SO4 H . 2.15 19.58 1.46
S SO4 I . 24.66 8.12 14.87
O1 SO4 I . 23.68 7.73 15.85
O2 SO4 I . 25.34 6.96 14.33
O3 SO4 I . 25.68 8.99 15.47
O4 SO4 I . 23.94 8.86 13.82
#